data_4N8F
#
_entry.id   4N8F
#
_cell.length_a   71.901
_cell.length_b   71.901
_cell.length_c   197.137
_cell.angle_alpha   90.00
_cell.angle_beta   90.00
_cell.angle_gamma   90.00
#
_symmetry.space_group_name_H-M   'P 43 21 2'
#
loop_
_entity.id
_entity.type
_entity.pdbx_description
1 polymer 'Carbon dioxide concentrating mechanism protein'
2 non-polymer 'SULFATE ION'
3 non-polymer 'MAGNESIUM ION'
4 water water
#
_entity_poly.entity_id   1
_entity_poly.type   'polypeptide(L)'
_entity_poly.pdbx_seq_one_letter_code
;MKIARVCGTVTSTQKEDTLTGVKFLVLQYLGEDGEFLPDYEVAADTVGAGQDEWVLVSRGSAARHIINGTDKPIDAAVVA
IIDTVSRDNYLLYSKRTQYKLAAALEHHHHHH
;
_entity_poly.pdbx_strand_id   A,B,C,D,E
#
loop_
_chem_comp.id
_chem_comp.type
_chem_comp.name
_chem_comp.formula
MG non-polymer 'MAGNESIUM ION' 'Mg 2'
SO4 non-polymer 'SULFATE ION' 'O4 S -2'
#
# COMPACT_ATOMS: atom_id res chain seq x y z
N MET A 1 2.32 -11.15 -3.72
CA MET A 1 2.41 -11.96 -2.45
C MET A 1 3.87 -12.05 -1.99
N LYS A 2 4.06 -12.40 -0.72
CA LYS A 2 5.35 -12.61 -0.14
C LYS A 2 5.47 -13.99 0.42
N ILE A 3 6.68 -14.49 0.46
CA ILE A 3 6.98 -15.72 1.12
C ILE A 3 7.30 -15.43 2.60
N ALA A 4 6.75 -16.24 3.51
CA ALA A 4 7.03 -16.07 4.91
C ALA A 4 7.02 -17.44 5.57
N ARG A 5 7.57 -17.52 6.77
CA ARG A 5 7.41 -18.72 7.56
C ARG A 5 6.50 -18.43 8.74
N VAL A 6 5.73 -19.44 9.10
CA VAL A 6 4.89 -19.31 10.28
C VAL A 6 5.76 -19.42 11.51
N CYS A 7 5.64 -18.49 12.42
CA CYS A 7 6.50 -18.51 13.57
C CYS A 7 5.81 -18.24 14.88
N GLY A 8 4.50 -18.15 14.94
CA GLY A 8 3.83 -17.84 16.20
C GLY A 8 2.35 -17.56 16.04
N THR A 9 1.74 -17.09 17.11
CA THR A 9 0.32 -16.88 17.17
C THR A 9 0.07 -15.65 18.03
N VAL A 10 -1.05 -15.01 17.77
CA VAL A 10 -1.54 -13.90 18.60
C VAL A 10 -2.95 -14.32 19.03
N THR A 11 -3.34 -13.95 20.23
CA THR A 11 -4.74 -14.13 20.67
C THR A 11 -5.25 -12.82 21.28
N SER A 12 -6.56 -12.62 21.21
CA SER A 12 -7.27 -11.38 21.68
C SER A 12 -8.67 -11.77 22.14
N THR A 13 -9.08 -11.31 23.32
CA THR A 13 -10.45 -11.50 23.76
C THR A 13 -11.29 -10.23 23.59
N GLN A 14 -10.66 -9.07 23.41
CA GLN A 14 -11.45 -7.83 23.13
C GLN A 14 -11.13 -7.41 21.73
N LYS A 15 -12.12 -7.53 20.86
CA LYS A 15 -11.91 -7.32 19.46
C LYS A 15 -13.21 -7.10 18.75
N GLU A 16 -13.13 -6.54 17.57
CA GLU A 16 -14.28 -6.45 16.68
C GLU A 16 -15.11 -7.79 16.57
N ASP A 17 -16.42 -7.73 16.79
CA ASP A 17 -17.35 -8.86 16.50
C ASP A 17 -17.12 -9.50 15.12
N THR A 18 -16.69 -8.70 14.17
CA THR A 18 -16.37 -9.19 12.83
C THR A 18 -15.21 -10.20 12.78
N LEU A 19 -14.42 -10.33 13.87
CA LEU A 19 -13.29 -11.26 13.86
C LEU A 19 -13.59 -12.56 14.56
N THR A 20 -14.89 -12.81 14.79
CA THR A 20 -15.31 -14.02 15.42
C THR A 20 -14.71 -15.23 14.67
N GLY A 21 -14.08 -16.13 15.45
CA GLY A 21 -13.51 -17.34 14.88
C GLY A 21 -12.24 -17.24 14.12
N VAL A 22 -11.67 -16.04 14.04
CA VAL A 22 -10.43 -15.85 13.30
C VAL A 22 -9.21 -16.27 14.15
N LYS A 23 -8.39 -17.15 13.57
CA LYS A 23 -7.12 -17.57 14.12
C LYS A 23 -6.12 -16.61 13.56
N PHE A 24 -5.25 -16.06 14.40
CA PHE A 24 -4.12 -15.22 14.01
C PHE A 24 -2.74 -15.89 14.11
N LEU A 25 -2.00 -15.93 13.00
CA LEU A 25 -0.64 -16.43 12.94
C LEU A 25 0.34 -15.28 12.83
N VAL A 26 1.47 -15.40 13.49
CA VAL A 26 2.59 -14.50 13.26
C VAL A 26 3.49 -15.10 12.21
N LEU A 27 3.87 -14.27 11.23
CA LEU A 27 4.61 -14.72 10.08
C LEU A 27 5.87 -13.90 10.04
N GLN A 28 6.97 -14.54 9.63
CA GLN A 28 8.22 -13.88 9.43
C GLN A 28 8.55 -13.94 7.95
N TYR A 29 8.82 -12.77 7.38
CA TYR A 29 9.13 -12.66 5.97
C TYR A 29 10.51 -13.15 5.62
N LEU A 30 10.59 -13.87 4.52
CA LEU A 30 11.82 -14.33 3.93
C LEU A 30 12.43 -13.25 3.06
N GLY A 31 13.72 -12.96 3.26
CA GLY A 31 14.33 -11.86 2.54
C GLY A 31 15.35 -12.22 1.49
N GLU A 32 16.59 -12.27 1.96
CA GLU A 32 17.79 -11.95 1.20
C GLU A 32 18.34 -13.22 0.56
N ASP A 33 18.01 -13.35 -0.73
CA ASP A 33 17.67 -14.64 -1.40
C ASP A 33 16.88 -15.63 -0.49
N GLY A 34 17.54 -16.33 0.44
CA GLY A 34 16.89 -17.35 1.31
C GLY A 34 17.07 -17.19 2.82
N GLU A 35 17.32 -15.98 3.30
CA GLU A 35 17.44 -15.67 4.73
C GLU A 35 16.20 -14.96 5.28
N PHE A 36 15.89 -15.23 6.55
CA PHE A 36 14.70 -14.65 7.16
C PHE A 36 14.95 -13.29 7.81
N LEU A 37 14.03 -12.35 7.56
CA LEU A 37 14.17 -10.96 7.94
C LEU A 37 13.52 -10.69 9.26
N PRO A 38 13.86 -9.57 9.89
CA PRO A 38 13.29 -9.24 11.18
C PRO A 38 12.00 -8.43 10.99
N ASP A 39 11.17 -8.87 10.06
CA ASP A 39 9.97 -8.18 9.72
C ASP A 39 8.89 -9.26 9.75
N TYR A 40 7.82 -8.96 10.48
CA TYR A 40 6.73 -9.87 10.74
C TYR A 40 5.36 -9.32 10.19
N GLU A 41 4.40 -10.21 10.01
CA GLU A 41 3.04 -9.84 9.77
C GLU A 41 2.14 -10.73 10.63
N VAL A 42 1.01 -10.19 11.05
CA VAL A 42 0.00 -11.02 11.64
C VAL A 42 -1.09 -11.31 10.61
N ALA A 43 -1.47 -12.58 10.46
CA ALA A 43 -2.34 -12.95 9.32
C ALA A 43 -3.37 -13.96 9.75
N ALA A 44 -4.54 -13.89 9.12
CA ALA A 44 -5.56 -14.93 9.20
C ALA A 44 -5.10 -16.18 8.46
N ASP A 45 -5.66 -17.35 8.80
CA ASP A 45 -5.31 -18.61 8.13
C ASP A 45 -6.48 -19.60 8.26
N THR A 46 -6.95 -20.12 7.13
CA THR A 46 -7.99 -21.14 7.09
C THR A 46 -7.40 -22.40 6.55
N VAL A 47 -6.19 -22.33 6.00
CA VAL A 47 -5.64 -23.50 5.31
C VAL A 47 -4.92 -24.48 6.24
N GLY A 48 -4.63 -24.05 7.47
CA GLY A 48 -4.03 -24.93 8.46
C GLY A 48 -2.51 -24.96 8.48
N ALA A 49 -1.89 -23.80 8.33
CA ALA A 49 -0.45 -23.76 8.26
C ALA A 49 0.10 -23.85 9.65
N GLY A 50 1.12 -24.66 9.82
CA GLY A 50 1.77 -24.85 11.12
C GLY A 50 3.15 -24.23 11.27
N GLN A 51 3.67 -24.20 12.51
CA GLN A 51 5.02 -23.72 12.80
C GLN A 51 6.02 -24.15 11.77
N ASP A 52 6.81 -23.19 11.31
CA ASP A 52 7.95 -23.42 10.47
C ASP A 52 7.58 -23.70 9.03
N GLU A 53 6.29 -23.89 8.72
CA GLU A 53 5.92 -24.04 7.32
C GLU A 53 6.15 -22.72 6.55
N TRP A 54 6.44 -22.83 5.25
CA TRP A 54 6.54 -21.67 4.39
C TRP A 54 5.19 -21.44 3.74
N VAL A 55 4.82 -20.16 3.65
CA VAL A 55 3.53 -19.71 3.11
C VAL A 55 3.62 -18.53 2.18
N LEU A 56 2.60 -18.39 1.32
CA LEU A 56 2.37 -17.19 0.57
C LEU A 56 1.40 -16.37 1.35
N VAL A 57 1.75 -15.12 1.57
CA VAL A 57 0.91 -14.23 2.28
C VAL A 57 0.41 -13.22 1.26
N SER A 58 -0.89 -12.91 1.31
CA SER A 58 -1.46 -11.80 0.55
C SER A 58 -1.91 -10.70 1.46
N ARG A 59 -1.72 -9.44 1.05
CA ARG A 59 -2.04 -8.28 1.89
C ARG A 59 -3.02 -7.41 1.20
N GLY A 60 -3.59 -6.49 1.97
CA GLY A 60 -4.65 -5.65 1.46
C GLY A 60 -5.97 -6.37 1.34
N SER A 61 -6.81 -5.91 0.42
CA SER A 61 -8.19 -6.38 0.35
C SER A 61 -8.20 -7.79 -0.16
N ALA A 62 -7.10 -8.25 -0.80
CA ALA A 62 -7.00 -9.68 -1.09
C ALA A 62 -7.33 -10.62 0.08
N ALA A 63 -6.95 -10.19 1.27
CA ALA A 63 -7.17 -11.00 2.45
C ALA A 63 -8.64 -11.27 2.75
N ARG A 64 -9.52 -10.35 2.36
CA ARG A 64 -10.91 -10.56 2.55
C ARG A 64 -11.51 -11.53 1.51
N HIS A 65 -10.71 -12.04 0.56
CA HIS A 65 -11.17 -12.99 -0.42
C HIS A 65 -10.75 -14.45 -0.07
N ILE A 66 -10.24 -14.68 1.13
CA ILE A 66 -10.13 -16.03 1.66
C ILE A 66 -11.53 -16.50 1.96
N ILE A 67 -11.75 -17.80 2.01
CA ILE A 67 -13.06 -18.36 2.44
C ILE A 67 -13.55 -17.66 3.75
N ASN A 68 -14.77 -17.16 3.80
CA ASN A 68 -15.29 -16.57 5.04
C ASN A 68 -14.57 -15.25 5.40
N GLY A 69 -13.73 -14.72 4.48
CA GLY A 69 -13.08 -13.44 4.65
C GLY A 69 -13.92 -12.15 4.40
N THR A 70 -15.05 -12.26 3.70
CA THR A 70 -15.85 -11.13 3.27
C THR A 70 -16.22 -10.24 4.45
N ASP A 71 -15.95 -8.97 4.34
CA ASP A 71 -16.38 -8.06 5.42
C ASP A 71 -15.67 -8.19 6.77
N LYS A 72 -14.59 -8.98 6.84
CA LYS A 72 -13.76 -8.97 7.99
C LYS A 72 -12.68 -7.87 7.80
N PRO A 73 -12.38 -7.13 8.85
CA PRO A 73 -11.31 -6.12 8.75
C PRO A 73 -9.89 -6.73 8.87
N ILE A 74 -9.51 -7.53 7.90
CA ILE A 74 -8.20 -8.17 7.90
C ILE A 74 -7.52 -7.74 6.62
N ASP A 75 -6.22 -7.52 6.74
CA ASP A 75 -5.41 -7.04 5.63
C ASP A 75 -4.18 -7.96 5.35
N ALA A 76 -4.21 -9.14 5.92
CA ALA A 76 -3.18 -10.14 5.62
C ALA A 76 -3.75 -11.51 5.84
N ALA A 77 -3.45 -12.42 4.92
CA ALA A 77 -3.86 -13.80 5.07
C ALA A 77 -2.86 -14.75 4.45
N VAL A 78 -2.67 -15.91 5.09
CA VAL A 78 -2.01 -17.04 4.48
C VAL A 78 -2.97 -17.49 3.41
N VAL A 79 -2.49 -17.54 2.16
CA VAL A 79 -3.31 -18.06 1.08
C VAL A 79 -2.81 -19.39 0.50
N ALA A 80 -1.60 -19.79 0.85
CA ALA A 80 -1.07 -21.05 0.34
C ALA A 80 0.06 -21.48 1.23
N ILE A 81 0.13 -22.78 1.47
CA ILE A 81 1.31 -23.39 2.07
C ILE A 81 2.18 -23.83 0.92
N ILE A 82 3.44 -23.45 1.02
CA ILE A 82 4.40 -23.67 -0.05
C ILE A 82 4.99 -25.09 -0.04
N ASP A 83 4.94 -25.75 -1.20
CA ASP A 83 5.57 -27.05 -1.42
C ASP A 83 6.97 -26.78 -1.91
N THR A 84 7.04 -26.07 -3.05
CA THR A 84 8.32 -25.81 -3.73
C THR A 84 8.46 -24.38 -4.20
N VAL A 85 9.71 -23.96 -4.12
CA VAL A 85 10.16 -22.71 -4.63
C VAL A 85 11.35 -23.02 -5.45
N SER A 86 11.37 -22.47 -6.65
CA SER A 86 12.50 -22.72 -7.52
C SER A 86 12.98 -21.38 -8.00
N ARG A 87 14.29 -21.15 -7.89
CA ARG A 87 14.94 -19.97 -8.46
C ARG A 87 15.72 -20.49 -9.66
N ASP A 88 15.49 -19.89 -10.83
CA ASP A 88 16.11 -20.33 -12.04
C ASP A 88 16.08 -21.88 -12.14
N ASN A 89 17.22 -22.55 -12.06
CA ASN A 89 17.26 -24.00 -12.34
C ASN A 89 16.91 -24.88 -11.12
N TYR A 90 17.78 -24.85 -10.11
CA TYR A 90 17.61 -25.57 -8.85
C TYR A 90 16.35 -25.19 -8.06
N LEU A 91 16.10 -25.98 -7.02
CA LEU A 91 15.08 -25.65 -6.05
C LEU A 91 15.60 -24.53 -5.12
N LEU A 92 15.60 -24.77 -3.81
CA LEU A 92 15.86 -23.73 -2.79
C LEU A 92 14.99 -24.04 -1.60
N TYR A 93 13.72 -24.34 -1.88
CA TYR A 93 12.84 -24.89 -0.87
C TYR A 93 12.01 -26.02 -1.44
N SER A 94 11.85 -27.05 -0.62
CA SER A 94 11.00 -28.21 -0.87
C SER A 94 10.49 -28.77 0.46
N LYS A 95 9.17 -28.88 0.62
CA LYS A 95 8.58 -29.41 1.86
C LYS A 95 8.67 -30.94 1.88
N MET B 1 2.80 0.45 -11.33
CA MET B 1 3.41 -0.84 -11.70
C MET B 1 4.94 -0.74 -11.53
N LYS B 2 5.58 -1.87 -11.41
CA LYS B 2 7.00 -1.91 -11.28
C LYS B 2 7.49 -2.85 -12.35
N ILE B 3 8.74 -2.62 -12.73
CA ILE B 3 9.47 -3.51 -13.66
C ILE B 3 10.17 -4.61 -12.87
N ALA B 4 10.02 -5.87 -13.29
CA ALA B 4 10.62 -6.98 -12.63
C ALA B 4 11.05 -8.04 -13.63
N ARG B 5 11.95 -8.90 -13.17
CA ARG B 5 12.42 -10.04 -13.94
C ARG B 5 11.89 -11.34 -13.35
N VAL B 6 11.39 -12.23 -14.20
CA VAL B 6 10.96 -13.56 -13.80
C VAL B 6 12.17 -14.42 -13.44
N CYS B 7 12.23 -14.86 -12.19
CA CYS B 7 13.41 -15.65 -11.81
C CYS B 7 13.08 -16.92 -11.04
N GLY B 8 11.79 -17.25 -10.88
CA GLY B 8 11.41 -18.55 -10.26
C GLY B 8 9.95 -18.94 -10.36
N THR B 9 9.59 -19.99 -9.63
CA THR B 9 8.19 -20.40 -9.50
C THR B 9 7.94 -20.90 -8.11
N VAL B 10 6.65 -20.92 -7.77
CA VAL B 10 6.20 -21.48 -6.49
C VAL B 10 5.03 -22.38 -6.79
N THR B 11 4.98 -23.49 -6.07
CA THR B 11 3.88 -24.42 -6.20
C THR B 11 3.37 -24.74 -4.79
N SER B 12 2.11 -25.14 -4.75
CA SER B 12 1.43 -25.39 -3.50
C SER B 12 0.25 -26.28 -3.73
N THR B 13 0.11 -27.28 -2.90
CA THR B 13 -1.07 -28.16 -2.96
C THR B 13 -2.11 -27.80 -1.87
N GLN B 14 -1.72 -27.28 -0.70
CA GLN B 14 -2.65 -26.82 0.36
C GLN B 14 -2.77 -25.34 0.28
N LYS B 15 -3.91 -24.89 -0.23
CA LYS B 15 -4.10 -23.47 -0.50
C LYS B 15 -5.59 -23.10 -0.57
N GLU B 16 -5.86 -21.81 -0.65
CA GLU B 16 -7.25 -21.39 -0.77
C GLU B 16 -7.86 -22.01 -2.06
N ASP B 17 -9.08 -22.47 -1.93
CA ASP B 17 -9.76 -23.25 -2.95
C ASP B 17 -9.94 -22.47 -4.24
N THR B 18 -10.09 -21.16 -4.12
CA THR B 18 -10.13 -20.26 -5.26
C THR B 18 -8.84 -20.13 -6.01
N LEU B 19 -7.73 -20.64 -5.50
CA LEU B 19 -6.49 -20.48 -6.18
C LEU B 19 -6.11 -21.64 -7.14
N THR B 20 -6.99 -22.59 -7.29
CA THR B 20 -6.73 -23.67 -8.19
C THR B 20 -6.32 -23.23 -9.59
N GLY B 21 -5.20 -23.76 -10.11
CA GLY B 21 -4.78 -23.48 -11.48
C GLY B 21 -4.07 -22.14 -11.63
N VAL B 22 -3.97 -21.35 -10.57
CA VAL B 22 -3.17 -20.16 -10.64
C VAL B 22 -1.67 -20.48 -10.58
N LYS B 23 -0.96 -19.94 -11.54
CA LYS B 23 0.47 -20.12 -11.66
C LYS B 23 1.17 -19.00 -10.91
N PHE B 24 2.13 -19.36 -10.08
CA PHE B 24 2.91 -18.37 -9.32
C PHE B 24 4.35 -18.22 -9.81
N LEU B 25 4.74 -17.00 -10.17
CA LEU B 25 6.14 -16.72 -10.51
C LEU B 25 6.81 -15.97 -9.39
N VAL B 26 8.08 -16.25 -9.18
CA VAL B 26 8.94 -15.42 -8.35
C VAL B 26 9.52 -14.35 -9.24
N LEU B 27 9.40 -13.10 -8.82
CA LEU B 27 9.87 -11.97 -9.56
C LEU B 27 10.88 -11.18 -8.75
N GLN B 28 11.87 -10.64 -9.44
CA GLN B 28 12.85 -9.77 -8.85
C GLN B 28 12.71 -8.38 -9.44
N TYR B 29 12.60 -7.41 -8.55
CA TYR B 29 12.30 -6.05 -8.94
C TYR B 29 13.57 -5.33 -9.42
N LEU B 30 13.40 -4.54 -10.47
CA LEU B 30 14.43 -3.63 -11.00
C LEU B 30 14.66 -2.45 -10.07
N GLY B 31 15.91 -2.18 -9.76
CA GLY B 31 16.32 -0.92 -9.14
C GLY B 31 16.62 0.17 -10.17
N GLU B 32 17.66 0.96 -9.93
CA GLU B 32 17.98 2.07 -10.83
C GLU B 32 19.36 1.78 -11.38
N ASP B 33 19.74 2.57 -12.38
CA ASP B 33 20.48 2.02 -13.50
C ASP B 33 19.56 0.87 -13.98
N GLY B 34 20.11 -0.07 -14.75
CA GLY B 34 19.37 -1.27 -15.10
C GLY B 34 19.74 -2.43 -14.18
N GLU B 35 19.94 -2.16 -12.89
CA GLU B 35 20.41 -3.17 -11.94
C GLU B 35 19.26 -3.67 -11.08
N PHE B 36 19.24 -4.97 -10.81
CA PHE B 36 18.16 -5.54 -10.06
C PHE B 36 18.38 -5.47 -8.55
N LEU B 37 17.29 -5.54 -7.78
CA LEU B 37 17.29 -5.39 -6.34
C LEU B 37 17.14 -6.78 -5.71
N PRO B 38 17.57 -6.95 -4.47
CA PRO B 38 17.36 -8.18 -3.74
C PRO B 38 16.01 -8.05 -3.04
N ASP B 39 15.00 -7.90 -3.87
CA ASP B 39 13.66 -7.71 -3.41
C ASP B 39 12.83 -8.40 -4.49
N TYR B 40 11.98 -9.30 -4.03
CA TYR B 40 11.26 -10.23 -4.87
C TYR B 40 9.74 -10.07 -4.58
N GLU B 41 8.92 -10.56 -5.51
CA GLU B 41 7.50 -10.68 -5.27
C GLU B 41 7.13 -12.04 -5.87
N VAL B 42 6.17 -12.70 -5.27
CA VAL B 42 5.46 -13.79 -5.88
C VAL B 42 4.13 -13.26 -6.47
N ALA B 43 3.95 -13.55 -7.76
CA ALA B 43 2.84 -13.00 -8.52
C ALA B 43 2.11 -14.08 -9.30
N ALA B 44 0.80 -13.87 -9.43
CA ALA B 44 0.02 -14.66 -10.36
C ALA B 44 0.48 -14.31 -11.75
N ASP B 45 0.51 -15.30 -12.62
CA ASP B 45 0.83 -15.06 -14.06
C ASP B 45 -0.22 -15.68 -14.90
N THR B 46 -0.91 -14.86 -15.65
CA THR B 46 -1.85 -15.31 -16.65
C THR B 46 -1.38 -14.93 -18.02
N VAL B 47 -0.24 -14.28 -18.13
CA VAL B 47 0.19 -13.78 -19.42
C VAL B 47 1.09 -14.83 -20.07
N GLY B 48 1.82 -15.59 -19.24
CA GLY B 48 2.65 -16.72 -19.69
C GLY B 48 4.08 -16.24 -19.86
N ALA B 49 4.63 -15.57 -18.86
CA ALA B 49 6.01 -15.14 -18.85
C ALA B 49 6.95 -16.27 -18.42
N GLY B 50 8.16 -16.28 -18.96
CA GLY B 50 9.18 -17.33 -18.65
C GLY B 50 10.40 -16.74 -17.97
N GLN B 51 11.30 -17.60 -17.48
CA GLN B 51 12.57 -17.14 -16.88
C GLN B 51 13.25 -16.01 -17.63
N ASP B 52 13.75 -15.03 -16.88
CA ASP B 52 14.52 -13.92 -17.40
C ASP B 52 13.75 -12.90 -18.22
N GLU B 53 12.51 -13.18 -18.63
CA GLU B 53 11.71 -12.18 -19.31
C GLU B 53 11.44 -11.07 -18.32
N TRP B 54 11.36 -9.83 -18.84
CA TRP B 54 10.98 -8.67 -18.06
C TRP B 54 9.48 -8.46 -18.14
N VAL B 55 8.89 -8.06 -17.03
CA VAL B 55 7.45 -7.89 -16.89
C VAL B 55 7.07 -6.65 -16.10
N LEU B 56 5.85 -6.19 -16.31
CA LEU B 56 5.20 -5.23 -15.42
C LEU B 56 4.43 -6.01 -14.42
N VAL B 57 4.58 -5.63 -13.12
CA VAL B 57 3.82 -6.24 -12.04
C VAL B 57 2.86 -5.17 -11.42
N SER B 58 1.62 -5.55 -11.21
CA SER B 58 0.65 -4.73 -10.49
C SER B 58 0.34 -5.41 -9.20
N ARG B 59 0.16 -4.59 -8.17
CA ARG B 59 -0.06 -5.04 -6.81
C ARG B 59 -1.34 -4.44 -6.22
N GLY B 60 -1.84 -5.04 -5.14
CA GLY B 60 -3.16 -4.72 -4.57
C GLY B 60 -4.29 -5.33 -5.37
N SER B 61 -5.46 -4.69 -5.28
CA SER B 61 -6.68 -5.22 -5.88
C SER B 61 -6.62 -5.27 -7.41
N ALA B 62 -5.68 -4.56 -7.99
CA ALA B 62 -5.46 -4.63 -9.40
C ALA B 62 -5.23 -6.04 -9.85
N ALA B 63 -4.61 -6.84 -9.00
CA ALA B 63 -4.32 -8.20 -9.32
C ALA B 63 -5.59 -9.04 -9.53
N ARG B 64 -6.67 -8.67 -8.86
CA ARG B 64 -7.92 -9.39 -9.04
C ARG B 64 -8.54 -9.07 -10.38
N HIS B 65 -7.95 -8.15 -11.14
CA HIS B 65 -8.55 -7.76 -12.43
C HIS B 65 -7.84 -8.35 -13.67
N ILE B 66 -6.94 -9.27 -13.43
CA ILE B 66 -6.47 -10.19 -14.50
C ILE B 66 -7.60 -11.12 -14.92
N ILE B 67 -7.39 -11.77 -16.06
CA ILE B 67 -8.37 -12.67 -16.59
C ILE B 67 -8.63 -13.73 -15.55
N ASN B 68 -9.91 -14.05 -15.38
CA ASN B 68 -10.43 -14.93 -14.31
C ASN B 68 -10.01 -14.64 -12.83
N GLY B 69 -9.61 -13.40 -12.56
CA GLY B 69 -8.97 -13.07 -11.30
C GLY B 69 -9.98 -12.71 -10.23
N THR B 70 -11.25 -12.59 -10.62
CA THR B 70 -12.29 -12.11 -9.72
C THR B 70 -12.34 -12.92 -8.46
N ASP B 71 -12.35 -12.27 -7.33
CA ASP B 71 -12.48 -13.00 -6.08
C ASP B 71 -11.35 -13.97 -5.70
N LYS B 72 -10.22 -13.93 -6.38
CA LYS B 72 -9.05 -14.72 -5.97
C LYS B 72 -8.23 -13.86 -4.97
N PRO B 73 -7.81 -14.44 -3.82
CA PRO B 73 -7.04 -13.68 -2.80
C PRO B 73 -5.58 -13.51 -3.21
N ILE B 74 -5.36 -12.78 -4.29
CA ILE B 74 -4.07 -12.43 -4.76
C ILE B 74 -3.84 -10.95 -4.74
N ASP B 75 -2.60 -10.56 -4.42
CA ASP B 75 -2.22 -9.12 -4.38
C ASP B 75 -1.08 -8.71 -5.32
N ALA B 76 -0.76 -9.56 -6.31
CA ALA B 76 0.31 -9.31 -7.24
C ALA B 76 0.15 -10.16 -8.50
N ALA B 77 0.33 -9.54 -9.65
CA ALA B 77 0.12 -10.18 -10.97
C ALA B 77 0.98 -9.56 -12.02
N VAL B 78 1.54 -10.45 -12.85
CA VAL B 78 2.16 -10.05 -14.07
C VAL B 78 1.08 -9.56 -14.99
N VAL B 79 1.25 -8.39 -15.55
CA VAL B 79 0.19 -7.87 -16.44
C VAL B 79 0.66 -7.65 -17.83
N ALA B 80 1.97 -7.69 -18.02
CA ALA B 80 2.53 -7.52 -19.36
C ALA B 80 3.95 -8.04 -19.39
N ILE B 81 4.33 -8.59 -20.56
CA ILE B 81 5.71 -8.89 -20.86
C ILE B 81 6.29 -7.68 -21.59
N ILE B 82 7.45 -7.23 -21.13
CA ILE B 82 8.05 -6.01 -21.66
C ILE B 82 8.84 -6.32 -22.95
N ASP B 83 8.70 -5.47 -23.96
CA ASP B 83 9.57 -5.53 -25.13
C ASP B 83 10.65 -4.45 -25.07
N THR B 84 10.27 -3.25 -24.67
CA THR B 84 11.22 -2.17 -24.57
C THR B 84 11.02 -1.31 -23.36
N VAL B 85 12.14 -0.76 -22.87
CA VAL B 85 12.10 0.27 -21.82
C VAL B 85 13.07 1.37 -22.20
N SER B 86 12.53 2.58 -22.34
CA SER B 86 13.34 3.75 -22.60
C SER B 86 13.38 4.63 -21.37
N ARG B 87 14.47 5.38 -21.24
CA ARG B 87 14.71 6.19 -20.06
C ARG B 87 15.58 7.36 -20.38
N ASP B 88 15.08 8.51 -19.95
CA ASP B 88 15.56 9.82 -20.33
C ASP B 88 15.54 10.09 -21.86
N ASN B 89 15.67 9.05 -22.70
CA ASN B 89 15.85 9.22 -24.16
C ASN B 89 16.47 8.01 -24.85
N TYR B 90 17.28 7.26 -24.08
CA TYR B 90 17.94 6.06 -24.59
C TYR B 90 17.21 4.77 -24.17
N LEU B 91 17.57 3.71 -24.88
CA LEU B 91 16.93 2.43 -24.77
C LEU B 91 17.60 1.58 -23.71
N LEU B 92 17.00 1.55 -22.54
CA LEU B 92 17.53 0.81 -21.40
C LEU B 92 17.35 -0.68 -21.61
N TYR B 93 16.24 -1.09 -22.23
CA TYR B 93 16.01 -2.51 -22.47
C TYR B 93 15.25 -2.81 -23.76
N SER B 94 15.64 -3.92 -24.38
CA SER B 94 14.99 -4.42 -25.59
C SER B 94 15.07 -5.94 -25.62
N LYS B 95 13.91 -6.59 -25.70
CA LYS B 95 13.74 -8.06 -25.72
C LYS B 95 14.55 -8.75 -26.81
N MET C 1 -1.20 11.16 -3.45
CA MET C 1 -0.48 11.25 -4.75
C MET C 1 0.95 11.72 -4.51
N LYS C 2 1.87 11.24 -5.36
CA LYS C 2 3.26 11.67 -5.38
C LYS C 2 3.53 12.53 -6.60
N ILE C 3 4.51 13.41 -6.48
CA ILE C 3 4.98 14.19 -7.56
C ILE C 3 6.09 13.39 -8.24
N ALA C 4 6.08 13.41 -9.57
CA ALA C 4 7.11 12.73 -10.36
C ALA C 4 7.35 13.46 -11.66
N ARG C 5 8.43 13.07 -12.32
CA ARG C 5 8.61 13.55 -13.64
C ARG C 5 8.55 12.40 -14.63
N VAL C 6 8.06 12.69 -15.82
CA VAL C 6 7.99 11.66 -16.85
C VAL C 6 9.32 11.48 -17.40
N CYS C 7 9.82 10.26 -17.44
CA CYS C 7 11.17 10.15 -17.92
C CYS C 7 11.38 9.09 -18.91
N GLY C 8 10.34 8.35 -19.31
CA GLY C 8 10.50 7.39 -20.40
C GLY C 8 9.23 6.65 -20.68
N THR C 9 9.31 5.50 -21.32
CA THR C 9 8.15 4.74 -21.65
C THR C 9 8.47 3.24 -21.65
N VAL C 10 7.44 2.42 -21.46
CA VAL C 10 7.52 0.94 -21.63
C VAL C 10 6.56 0.49 -22.72
N THR C 11 7.02 -0.43 -23.55
CA THR C 11 6.13 -1.02 -24.57
C THR C 11 6.03 -2.53 -24.35
N SER C 12 4.86 -3.08 -24.67
CA SER C 12 4.59 -4.51 -24.49
C SER C 12 3.63 -4.96 -25.55
N THR C 13 3.89 -6.08 -26.21
CA THR C 13 2.88 -6.63 -27.13
C THR C 13 2.16 -7.86 -26.55
N GLN C 14 2.73 -8.54 -25.55
CA GLN C 14 2.07 -9.63 -24.84
C GLN C 14 1.62 -9.16 -23.44
N LYS C 15 0.33 -9.07 -23.23
CA LYS C 15 -0.22 -8.37 -22.03
C LYS C 15 -1.70 -8.70 -21.89
N GLU C 16 -2.27 -8.44 -20.72
CA GLU C 16 -3.69 -8.59 -20.47
C GLU C 16 -4.44 -7.80 -21.50
N ASP C 17 -5.44 -8.45 -22.09
CA ASP C 17 -6.34 -7.85 -23.10
C ASP C 17 -6.89 -6.50 -22.70
N THR C 18 -7.12 -6.33 -21.41
CA THR C 18 -7.70 -5.10 -20.90
C THR C 18 -6.72 -3.90 -20.99
N LEU C 19 -5.45 -4.18 -21.23
CA LEU C 19 -4.44 -3.16 -21.43
C LEU C 19 -4.15 -2.76 -22.87
N THR C 20 -4.91 -3.25 -23.85
CA THR C 20 -4.76 -2.80 -25.23
C THR C 20 -4.87 -1.28 -25.39
N GLY C 21 -3.91 -0.68 -26.08
CA GLY C 21 -3.83 0.78 -26.25
C GLY C 21 -3.43 1.58 -25.03
N VAL C 22 -3.04 0.96 -23.94
CA VAL C 22 -2.72 1.74 -22.75
C VAL C 22 -1.29 2.24 -22.91
N LYS C 23 -1.11 3.54 -22.80
CA LYS C 23 0.22 4.09 -22.74
C LYS C 23 0.88 3.93 -21.38
N PHE C 24 2.05 3.31 -21.36
CA PHE C 24 2.85 3.17 -20.13
C PHE C 24 4.05 4.13 -20.05
N LEU C 25 3.99 5.06 -19.09
CA LEU C 25 5.10 5.97 -18.95
C LEU C 25 5.95 5.46 -17.84
N VAL C 26 7.26 5.66 -17.94
CA VAL C 26 8.12 5.59 -16.79
C VAL C 26 8.21 6.95 -16.07
N LEU C 27 8.02 6.95 -14.76
CA LEU C 27 8.04 8.15 -13.90
C LEU C 27 9.22 8.03 -12.89
N GLN C 28 9.97 9.10 -12.72
CA GLN C 28 10.94 9.16 -11.67
C GLN C 28 10.31 10.07 -10.60
N TYR C 29 10.26 9.57 -9.38
CA TYR C 29 9.76 10.36 -8.27
C TYR C 29 10.65 11.57 -7.97
N LEU C 30 10.01 12.65 -7.48
CA LEU C 30 10.68 13.86 -7.09
C LEU C 30 10.55 14.06 -5.57
N GLY C 31 11.68 14.36 -4.95
CA GLY C 31 11.80 14.53 -3.50
C GLY C 31 11.70 15.97 -3.07
N GLU C 32 12.20 16.26 -1.87
CA GLU C 32 12.26 17.58 -1.37
C GLU C 32 13.13 18.41 -2.35
N ASP C 33 12.62 19.61 -2.64
CA ASP C 33 13.26 20.61 -3.45
C ASP C 33 13.43 20.08 -4.88
N GLY C 34 12.58 19.16 -5.30
CA GLY C 34 12.67 18.57 -6.64
C GLY C 34 13.84 17.61 -6.91
N GLU C 35 14.43 17.10 -5.84
CA GLU C 35 15.41 16.04 -5.97
C GLU C 35 14.96 14.90 -6.88
N PHE C 36 15.84 14.51 -7.81
CA PHE C 36 15.60 13.34 -8.64
C PHE C 36 15.87 12.10 -7.82
N LEU C 37 14.83 11.38 -7.43
CA LEU C 37 14.98 10.27 -6.50
C LEU C 37 15.26 8.99 -7.23
N PRO C 38 16.00 8.09 -6.56
CA PRO C 38 16.35 6.78 -7.04
C PRO C 38 15.15 5.85 -6.85
N ASP C 39 14.00 6.25 -7.40
CA ASP C 39 12.79 5.47 -7.29
C ASP C 39 11.93 5.79 -8.51
N TYR C 40 11.17 4.83 -9.00
CA TYR C 40 10.49 4.92 -10.31
C TYR C 40 9.13 4.18 -10.25
N GLU C 41 8.20 4.56 -11.12
CA GLU C 41 6.91 3.87 -11.26
C GLU C 41 6.61 3.72 -12.73
N VAL C 42 5.99 2.66 -13.14
CA VAL C 42 5.43 2.65 -14.49
C VAL C 42 3.96 2.88 -14.37
N ALA C 43 3.44 3.85 -15.10
CA ALA C 43 2.07 4.26 -14.94
C ALA C 43 1.34 4.43 -16.23
N ALA C 44 0.06 4.10 -16.19
CA ALA C 44 -0.89 4.42 -17.27
C ALA C 44 -1.09 5.90 -17.39
N ASP C 45 -1.35 6.34 -18.61
CA ASP C 45 -1.55 7.77 -18.78
C ASP C 45 -2.66 7.99 -19.78
N THR C 46 -3.73 8.55 -19.28
CA THR C 46 -4.88 8.96 -20.09
C THR C 46 -4.97 10.45 -20.15
N VAL C 47 -4.01 11.15 -19.59
CA VAL C 47 -4.05 12.59 -19.61
C VAL C 47 -3.25 13.17 -20.76
N GLY C 48 -2.13 12.57 -21.16
CA GLY C 48 -1.36 13.07 -22.33
C GLY C 48 -0.12 13.80 -21.82
N ALA C 49 0.62 13.22 -20.86
CA ALA C 49 1.80 13.87 -20.32
C ALA C 49 3.05 13.63 -21.16
N GLY C 50 3.75 14.71 -21.55
CA GLY C 50 4.98 14.62 -22.34
C GLY C 50 6.23 14.37 -21.50
N GLN C 51 7.28 13.99 -22.18
CA GLN C 51 8.54 13.79 -21.55
C GLN C 51 9.02 15.01 -20.72
N ASP C 52 9.62 14.75 -19.56
CA ASP C 52 10.08 15.73 -18.60
C ASP C 52 9.03 16.54 -17.84
N GLU C 53 7.74 16.41 -18.19
CA GLU C 53 6.65 17.10 -17.42
C GLU C 53 6.54 16.59 -15.98
N TRP C 54 6.23 17.50 -15.07
CA TRP C 54 5.92 17.10 -13.73
C TRP C 54 4.49 16.66 -13.73
N VAL C 55 4.25 15.56 -13.01
CA VAL C 55 2.92 14.96 -12.87
C VAL C 55 2.56 14.53 -11.42
N LEU C 56 1.26 14.40 -11.17
CA LEU C 56 0.77 13.65 -10.05
C LEU C 56 0.43 12.23 -10.46
N VAL C 57 0.94 11.30 -9.66
CA VAL C 57 0.59 9.93 -9.84
C VAL C 57 -0.24 9.41 -8.66
N SER C 58 -1.29 8.66 -8.97
CA SER C 58 -2.12 7.90 -7.99
C SER C 58 -1.85 6.41 -8.07
N ARG C 59 -1.75 5.78 -6.92
CA ARG C 59 -1.42 4.34 -6.84
C ARG C 59 -2.57 3.59 -6.17
N GLY C 60 -2.60 2.27 -6.33
CA GLY C 60 -3.66 1.43 -5.79
C GLY C 60 -4.86 1.57 -6.68
N SER C 61 -6.00 1.23 -6.11
CA SER C 61 -7.21 1.11 -6.86
C SER C 61 -7.67 2.47 -7.42
N ALA C 62 -7.10 3.57 -6.92
CA ALA C 62 -7.33 4.90 -7.53
C ALA C 62 -7.10 4.82 -9.07
N ALA C 63 -6.09 4.06 -9.47
CA ALA C 63 -5.73 4.00 -10.91
C ALA C 63 -6.85 3.50 -11.80
N ARG C 64 -7.76 2.70 -11.24
CA ARG C 64 -8.86 2.13 -11.99
C ARG C 64 -9.99 3.08 -12.16
N HIS C 65 -9.90 4.23 -11.51
CA HIS C 65 -10.90 5.28 -11.65
C HIS C 65 -10.51 6.38 -12.63
N ILE C 66 -9.39 6.22 -13.33
CA ILE C 66 -9.15 7.05 -14.48
C ILE C 66 -10.23 6.69 -15.51
N ILE C 67 -10.41 7.58 -16.47
CA ILE C 67 -11.36 7.38 -17.57
C ILE C 67 -11.13 6.01 -18.23
N ASN C 68 -12.18 5.24 -18.28
CA ASN C 68 -12.17 3.86 -18.82
C ASN C 68 -11.24 2.90 -18.13
N GLY C 69 -10.92 3.17 -16.87
CA GLY C 69 -9.95 2.38 -16.18
C GLY C 69 -10.52 1.18 -15.47
N THR C 70 -11.83 1.07 -15.46
CA THR C 70 -12.54 0.18 -14.57
C THR C 70 -12.04 -1.29 -14.57
N ASP C 71 -11.85 -1.87 -15.70
CA ASP C 71 -11.50 -3.28 -15.63
C ASP C 71 -10.02 -3.54 -15.73
N LYS C 72 -9.22 -2.49 -15.67
CA LYS C 72 -7.83 -2.63 -16.00
C LYS C 72 -7.02 -2.99 -14.74
N PRO C 73 -6.14 -3.97 -14.85
CA PRO C 73 -5.28 -4.40 -13.72
C PRO C 73 -4.07 -3.51 -13.54
N ILE C 74 -4.34 -2.23 -13.30
CA ILE C 74 -3.29 -1.21 -13.11
C ILE C 74 -3.37 -0.65 -11.72
N ASP C 75 -2.20 -0.34 -11.17
CA ASP C 75 -2.05 0.14 -9.82
C ASP C 75 -1.32 1.50 -9.77
N ALA C 76 -1.11 2.14 -10.90
CA ALA C 76 -0.49 3.47 -10.96
C ALA C 76 -0.98 4.19 -12.21
N ALA C 77 -1.36 5.45 -12.06
CA ALA C 77 -1.78 6.24 -13.23
C ALA C 77 -1.38 7.67 -13.08
N VAL C 78 -1.02 8.32 -14.20
CA VAL C 78 -0.88 9.74 -14.17
C VAL C 78 -2.29 10.38 -14.06
N VAL C 79 -2.53 11.27 -13.12
CA VAL C 79 -3.87 11.90 -13.00
C VAL C 79 -3.95 13.39 -13.29
N ALA C 80 -2.79 14.01 -13.38
CA ALA C 80 -2.69 15.45 -13.58
C ALA C 80 -1.29 15.78 -14.04
N ILE C 81 -1.21 16.70 -14.99
CA ILE C 81 0.05 17.34 -15.32
C ILE C 81 0.17 18.58 -14.50
N ILE C 82 1.28 18.72 -13.77
CA ILE C 82 1.47 19.85 -12.86
C ILE C 82 1.77 21.17 -13.56
N ASP C 83 0.95 22.19 -13.26
CA ASP C 83 1.19 23.58 -13.70
C ASP C 83 2.10 24.30 -12.72
N THR C 84 1.81 24.23 -11.43
CA THR C 84 2.59 24.92 -10.44
C THR C 84 2.73 24.04 -9.21
N VAL C 85 3.82 24.29 -8.51
CA VAL C 85 4.03 23.81 -7.18
C VAL C 85 4.49 25.00 -6.37
N SER C 86 3.87 25.21 -5.23
CA SER C 86 4.32 26.25 -4.37
C SER C 86 4.63 25.70 -3.00
N ARG C 87 5.46 26.44 -2.26
CA ARG C 87 5.83 26.07 -0.90
C ARG C 87 5.64 27.32 -0.10
N ASP C 88 4.77 27.29 0.87
CA ASP C 88 4.75 28.38 1.82
C ASP C 88 4.58 29.66 1.00
N ASN C 89 3.62 29.62 0.09
CA ASN C 89 3.28 30.78 -0.75
C ASN C 89 4.28 31.28 -1.84
N TYR C 90 5.46 30.65 -2.01
CA TYR C 90 6.37 30.95 -3.13
C TYR C 90 6.29 29.83 -4.18
N LEU C 91 6.16 30.19 -5.45
CA LEU C 91 6.27 29.24 -6.53
C LEU C 91 7.66 28.58 -6.49
N LEU C 92 7.69 27.28 -6.53
CA LEU C 92 8.94 26.53 -6.64
C LEU C 92 9.18 26.05 -8.08
N TYR C 93 8.09 25.78 -8.78
CA TYR C 93 8.08 25.24 -10.12
C TYR C 93 6.87 25.75 -10.82
N SER C 94 7.00 25.93 -12.14
CA SER C 94 5.84 26.16 -13.02
C SER C 94 6.11 25.67 -14.43
N LYS C 95 5.02 25.35 -15.11
CA LYS C 95 4.99 24.70 -16.40
C LYS C 95 4.95 25.70 -17.53
N ARG C 96 5.48 25.28 -18.68
CA ARG C 96 5.30 26.04 -19.91
C ARG C 96 3.83 26.04 -20.30
N THR C 97 3.34 27.16 -20.76
CA THR C 97 1.92 27.38 -20.95
C THR C 97 1.54 27.33 -22.44
N MET D 1 -3.75 6.09 9.31
CA MET D 1 -3.55 7.54 8.95
C MET D 1 -2.17 8.02 9.38
N LYS D 2 -1.67 9.03 8.70
CA LYS D 2 -0.43 9.71 9.10
C LYS D 2 -0.74 11.16 9.46
N ILE D 3 0.10 11.69 10.35
CA ILE D 3 0.13 13.10 10.68
C ILE D 3 1.05 13.84 9.69
N ALA D 4 0.61 14.99 9.22
CA ALA D 4 1.38 15.82 8.30
C ALA D 4 1.07 17.26 8.52
N ARG D 5 1.94 18.13 7.99
CA ARG D 5 1.65 19.55 7.98
C ARG D 5 1.51 20.06 6.59
N VAL D 6 0.64 21.04 6.44
CA VAL D 6 0.41 21.61 5.15
C VAL D 6 1.51 22.59 4.86
N CYS D 7 2.25 22.37 3.76
CA CYS D 7 3.34 23.24 3.39
C CYS D 7 3.26 23.85 2.01
N GLY D 8 2.26 23.52 1.21
CA GLY D 8 2.14 24.16 -0.07
C GLY D 8 0.95 23.69 -0.88
N THR D 9 0.96 23.93 -2.19
CA THR D 9 -0.13 23.57 -3.09
C THR D 9 0.40 23.12 -4.44
N VAL D 10 -0.40 22.33 -5.15
CA VAL D 10 -0.16 22.03 -6.53
C VAL D 10 -1.41 22.46 -7.32
N THR D 11 -1.23 23.03 -8.50
CA THR D 11 -2.32 23.27 -9.41
C THR D 11 -2.06 22.57 -10.73
N SER D 12 -3.15 22.34 -11.49
CA SER D 12 -3.10 21.61 -12.73
C SER D 12 -4.35 21.95 -13.56
N THR D 13 -4.16 22.17 -14.85
CA THR D 13 -5.27 22.37 -15.75
C THR D 13 -5.44 21.17 -16.71
N GLN D 14 -4.42 20.34 -16.95
CA GLN D 14 -4.63 19.12 -17.72
C GLN D 14 -4.60 18.00 -16.76
N LYS D 15 -5.77 17.42 -16.58
CA LYS D 15 -5.96 16.39 -15.59
C LYS D 15 -7.22 15.58 -15.91
N GLU D 16 -7.41 14.48 -15.20
CA GLU D 16 -8.67 13.74 -15.22
C GLU D 16 -9.85 14.66 -14.94
N ASP D 17 -10.84 14.59 -15.79
CA ASP D 17 -12.07 15.35 -15.66
C ASP D 17 -12.77 15.16 -14.35
N THR D 18 -12.71 13.97 -13.77
CA THR D 18 -13.25 13.76 -12.44
C THR D 18 -12.59 14.59 -11.33
N LEU D 19 -11.43 15.23 -11.60
CA LEU D 19 -10.72 16.01 -10.58
C LEU D 19 -10.99 17.48 -10.64
N THR D 20 -11.94 17.90 -11.48
CA THR D 20 -12.32 19.30 -11.52
C THR D 20 -12.70 19.77 -10.12
N GLY D 21 -12.21 20.94 -9.70
CA GLY D 21 -12.57 21.52 -8.41
C GLY D 21 -11.69 21.01 -7.27
N VAL D 22 -10.89 19.95 -7.50
CA VAL D 22 -10.13 19.37 -6.39
C VAL D 22 -8.98 20.27 -5.98
N LYS D 23 -8.93 20.62 -4.72
CA LYS D 23 -7.84 21.34 -4.14
C LYS D 23 -6.72 20.34 -3.81
N PHE D 24 -5.49 20.61 -4.23
CA PHE D 24 -4.36 19.74 -3.93
C PHE D 24 -3.43 20.44 -2.98
N LEU D 25 -3.22 19.83 -1.84
CA LEU D 25 -2.26 20.35 -0.91
C LEU D 25 -1.02 19.53 -0.88
N VAL D 26 0.10 20.20 -0.71
CA VAL D 26 1.36 19.50 -0.44
C VAL D 26 1.50 19.35 1.08
N LEU D 27 1.76 18.13 1.53
CA LEU D 27 1.84 17.79 2.92
C LEU D 27 3.19 17.22 3.22
N GLN D 28 3.75 17.56 4.39
CA GLN D 28 5.01 16.99 4.85
C GLN D 28 4.79 16.08 6.06
N TYR D 29 5.27 14.85 5.99
CA TYR D 29 4.95 13.85 6.99
C TYR D 29 5.78 14.06 8.23
N LEU D 30 5.14 13.84 9.38
CA LEU D 30 5.77 13.90 10.68
C LEU D 30 6.64 12.70 10.89
N GLY D 31 7.82 12.90 11.44
CA GLY D 31 8.78 11.82 11.67
C GLY D 31 8.95 11.67 13.17
N GLU D 32 10.19 11.55 13.62
CA GLU D 32 10.48 11.28 15.01
C GLU D 32 10.53 12.56 15.78
N ASP D 33 10.22 12.45 17.06
CA ASP D 33 9.99 13.62 17.89
C ASP D 33 8.92 14.42 17.16
N GLY D 34 8.93 15.74 17.31
CA GLY D 34 8.18 16.60 16.44
C GLY D 34 8.99 17.06 15.25
N GLU D 35 9.93 16.25 14.78
CA GLU D 35 10.67 16.57 13.56
C GLU D 35 9.86 16.10 12.36
N PHE D 36 9.87 16.91 11.32
CA PHE D 36 9.21 16.50 10.09
C PHE D 36 10.20 15.87 9.17
N LEU D 37 9.70 14.98 8.31
CA LEU D 37 10.50 14.22 7.39
C LEU D 37 10.58 14.93 6.04
N PRO D 38 11.67 14.71 5.26
CA PRO D 38 11.75 15.23 3.94
C PRO D 38 10.98 14.31 3.00
N ASP D 39 9.70 14.18 3.24
CA ASP D 39 8.85 13.19 2.63
C ASP D 39 7.50 13.88 2.54
N TYR D 40 6.95 13.96 1.34
CA TYR D 40 5.79 14.77 1.01
C TYR D 40 4.76 14.00 0.27
N GLU D 41 3.51 14.43 0.42
CA GLU D 41 2.42 13.79 -0.24
C GLU D 41 1.56 14.89 -0.78
N VAL D 42 0.92 14.62 -1.89
CA VAL D 42 -0.03 15.60 -2.45
C VAL D 42 -1.38 14.99 -2.23
N ALA D 43 -2.24 15.74 -1.54
CA ALA D 43 -3.53 15.20 -1.05
C ALA D 43 -4.70 16.07 -1.39
N ALA D 44 -5.84 15.48 -1.63
CA ALA D 44 -7.04 16.25 -1.85
C ALA D 44 -7.49 16.83 -0.50
N ASP D 45 -8.16 17.96 -0.53
CA ASP D 45 -8.64 18.58 0.72
C ASP D 45 -10.02 19.07 0.48
N THR D 46 -10.98 18.44 1.11
CA THR D 46 -12.34 18.94 1.22
C THR D 46 -12.57 19.62 2.56
N VAL D 47 -11.63 19.54 3.50
CA VAL D 47 -11.92 20.03 4.84
C VAL D 47 -11.68 21.54 4.94
N GLY D 48 -10.66 22.00 4.24
CA GLY D 48 -10.29 23.39 4.11
C GLY D 48 -9.09 23.71 4.97
N ALA D 49 -8.05 22.88 4.95
CA ALA D 49 -6.81 23.13 5.67
C ALA D 49 -5.91 24.20 5.03
N GLY D 50 -5.21 24.95 5.88
CA GLY D 50 -4.27 25.99 5.46
C GLY D 50 -2.84 25.73 5.88
N GLN D 51 -1.97 26.61 5.38
CA GLN D 51 -0.54 26.56 5.55
C GLN D 51 -0.15 26.38 7.02
N ASP D 52 0.75 25.44 7.29
CA ASP D 52 1.26 25.13 8.64
C ASP D 52 0.35 24.36 9.57
N GLU D 53 -0.91 24.19 9.22
CA GLU D 53 -1.79 23.34 10.01
C GLU D 53 -1.41 21.87 9.91
N TRP D 54 -1.73 21.16 11.00
CA TRP D 54 -1.48 19.76 11.11
C TRP D 54 -2.76 19.09 10.72
N VAL D 55 -2.61 17.99 9.97
CA VAL D 55 -3.73 17.25 9.44
C VAL D 55 -3.47 15.75 9.59
N LEU D 56 -4.57 14.99 9.53
CA LEU D 56 -4.56 13.54 9.32
C LEU D 56 -4.77 13.30 7.86
N VAL D 57 -3.92 12.45 7.27
CA VAL D 57 -4.09 12.07 5.88
C VAL D 57 -4.35 10.57 5.77
N SER D 58 -5.38 10.22 4.98
CA SER D 58 -5.70 8.84 4.73
C SER D 58 -5.26 8.55 3.31
N ARG D 59 -4.71 7.39 3.11
CA ARG D 59 -4.28 6.94 1.79
C ARG D 59 -5.01 5.69 1.30
N GLY D 60 -4.85 5.42 0.00
CA GLY D 60 -5.46 4.30 -0.66
C GLY D 60 -6.92 4.70 -0.98
N SER D 61 -7.78 3.69 -1.02
CA SER D 61 -9.17 3.85 -1.41
C SER D 61 -9.95 4.69 -0.37
N ALA D 62 -9.44 4.77 0.85
CA ALA D 62 -10.02 5.66 1.82
C ALA D 62 -10.25 7.03 1.29
N ALA D 63 -9.32 7.51 0.49
CA ALA D 63 -9.42 8.86 -0.04
C ALA D 63 -10.69 9.09 -0.88
N ARG D 64 -11.22 8.07 -1.52
CA ARG D 64 -12.40 8.25 -2.31
C ARG D 64 -13.66 8.34 -1.44
N HIS D 65 -13.50 8.24 -0.14
CA HIS D 65 -14.64 8.28 0.76
C HIS D 65 -14.82 9.59 1.47
N ILE D 66 -14.00 10.58 1.11
CA ILE D 66 -14.25 11.96 1.49
C ILE D 66 -15.51 12.38 0.74
N ILE D 67 -16.16 13.40 1.25
CA ILE D 67 -17.33 13.97 0.59
C ILE D 67 -17.04 14.23 -0.90
N ASN D 68 -17.91 13.70 -1.74
CA ASN D 68 -17.85 13.81 -3.20
C ASN D 68 -16.67 13.05 -3.80
N GLY D 69 -15.97 12.27 -2.99
CA GLY D 69 -14.78 11.58 -3.45
C GLY D 69 -14.99 10.41 -4.37
N THR D 70 -16.23 9.95 -4.48
CA THR D 70 -16.51 8.67 -5.07
C THR D 70 -16.01 8.71 -6.51
N ASP D 71 -15.32 7.67 -6.93
CA ASP D 71 -14.88 7.64 -8.32
C ASP D 71 -13.87 8.70 -8.78
N LYS D 72 -13.34 9.50 -7.87
CA LYS D 72 -12.16 10.32 -8.18
C LYS D 72 -10.84 9.45 -8.07
N PRO D 73 -9.92 9.56 -9.04
CA PRO D 73 -8.70 8.76 -8.93
C PRO D 73 -7.66 9.36 -8.03
N ILE D 74 -8.00 9.46 -6.72
CA ILE D 74 -7.11 10.03 -5.74
C ILE D 74 -6.80 8.96 -4.71
N ASP D 75 -5.60 8.99 -4.17
CA ASP D 75 -5.10 8.00 -3.19
C ASP D 75 -4.55 8.62 -1.92
N ALA D 76 -4.84 9.90 -1.70
CA ALA D 76 -4.51 10.62 -0.48
C ALA D 76 -5.45 11.77 -0.30
N ALA D 77 -5.87 11.95 0.95
CA ALA D 77 -6.80 13.00 1.28
C ALA D 77 -6.61 13.48 2.70
N VAL D 78 -6.79 14.78 2.89
CA VAL D 78 -6.85 15.33 4.22
C VAL D 78 -8.24 14.93 4.77
N VAL D 79 -8.29 14.42 6.00
CA VAL D 79 -9.58 14.03 6.56
C VAL D 79 -9.92 14.69 7.90
N ALA D 80 -8.96 15.39 8.48
CA ALA D 80 -9.15 16.08 9.76
C ALA D 80 -8.04 17.07 9.89
N ILE D 81 -8.39 18.23 10.39
CA ILE D 81 -7.41 19.21 10.85
C ILE D 81 -7.22 18.97 12.33
N ILE D 82 -5.97 18.81 12.74
CA ILE D 82 -5.66 18.38 14.15
C ILE D 82 -5.72 19.51 15.12
N ASP D 83 -6.41 19.29 16.22
CA ASP D 83 -6.37 20.22 17.36
C ASP D 83 -5.24 19.87 18.32
N THR D 84 -5.15 18.62 18.80
CA THR D 84 -4.01 18.23 19.62
C THR D 84 -3.52 16.85 19.29
N VAL D 85 -2.26 16.61 19.63
CA VAL D 85 -1.71 15.27 19.56
C VAL D 85 -1.03 15.05 20.87
N SER D 86 -1.35 14.00 21.59
CA SER D 86 -0.60 13.68 22.78
C SER D 86 0.26 12.46 22.49
N ARG D 87 1.31 12.31 23.31
CA ARG D 87 2.07 11.06 23.47
C ARG D 87 2.31 10.89 24.93
N ASP D 88 1.63 9.91 25.50
CA ASP D 88 1.75 9.60 26.92
C ASP D 88 1.17 10.77 27.71
N ASN D 89 1.74 11.05 28.87
CA ASN D 89 1.12 11.98 29.82
C ASN D 89 1.49 13.42 29.47
N TYR D 90 1.40 13.77 28.18
CA TYR D 90 1.76 15.13 27.71
C TYR D 90 1.36 15.38 26.22
N LEU D 91 1.59 16.61 25.78
CA LEU D 91 1.11 17.14 24.51
C LEU D 91 2.24 17.39 23.53
N LEU D 92 2.14 16.78 22.37
CA LEU D 92 3.11 17.01 21.29
C LEU D 92 2.72 18.20 20.43
N TYR D 93 1.46 18.61 20.48
CA TYR D 93 1.04 19.65 19.60
C TYR D 93 -0.32 20.10 20.01
N SER D 94 -0.52 21.42 19.92
CA SER D 94 -1.80 22.05 20.15
C SER D 94 -1.97 23.24 19.19
N LYS D 95 -3.16 23.38 18.60
CA LYS D 95 -3.49 24.56 17.76
C LYS D 95 -4.22 25.66 18.55
N MET E 1 -1.78 -7.74 9.24
CA MET E 1 -2.03 -6.81 10.40
C MET E 1 -0.72 -6.58 11.16
N LYS E 2 -0.59 -5.44 11.81
CA LYS E 2 0.65 -5.19 12.58
C LYS E 2 0.35 -5.10 14.05
N ILE E 3 1.33 -5.47 14.85
CA ILE E 3 1.31 -5.33 16.31
C ILE E 3 1.79 -3.92 16.61
N ALA E 4 1.02 -3.21 17.40
CA ALA E 4 1.43 -1.90 17.77
C ALA E 4 1.10 -1.66 19.25
N ARG E 5 1.63 -0.58 19.79
CA ARG E 5 1.38 -0.19 21.15
C ARG E 5 0.73 1.18 21.12
N VAL E 6 -0.32 1.37 21.90
CA VAL E 6 -0.99 2.65 21.98
C VAL E 6 -0.17 3.65 22.80
N CYS E 7 0.17 4.77 22.20
CA CYS E 7 1.05 5.71 22.86
C CYS E 7 0.54 7.14 22.83
N GLY E 8 -0.69 7.39 22.36
CA GLY E 8 -1.34 8.69 22.50
C GLY E 8 -2.65 8.83 21.76
N THR E 9 -3.10 10.06 21.55
CA THR E 9 -4.38 10.31 20.90
C THR E 9 -4.28 11.54 20.03
N VAL E 10 -5.18 11.64 19.07
CA VAL E 10 -5.30 12.82 18.25
C VAL E 10 -6.72 13.31 18.36
N THR E 11 -6.91 14.62 18.49
CA THR E 11 -8.27 15.18 18.45
C THR E 11 -8.40 16.20 17.37
N SER E 12 -9.61 16.32 16.87
CA SER E 12 -9.87 17.23 15.76
C SER E 12 -11.30 17.68 15.85
N THR E 13 -11.56 18.95 15.63
CA THR E 13 -12.94 19.37 15.50
C THR E 13 -13.33 19.66 14.05
N GLN E 14 -12.38 20.04 13.20
CA GLN E 14 -12.70 20.32 11.82
C GLN E 14 -12.23 19.13 11.01
N LYS E 15 -13.19 18.42 10.41
CA LYS E 15 -12.98 17.08 9.90
C LYS E 15 -14.13 16.62 9.03
N GLU E 16 -13.88 15.59 8.25
CA GLU E 16 -14.93 15.02 7.40
C GLU E 16 -16.10 14.59 8.32
N ASP E 17 -17.30 14.85 7.83
CA ASP E 17 -18.51 14.65 8.61
C ASP E 17 -18.76 13.22 9.02
N THR E 18 -18.30 12.28 8.18
CA THR E 18 -18.47 10.89 8.48
C THR E 18 -17.58 10.45 9.63
N LEU E 19 -16.63 11.26 10.06
CA LEU E 19 -15.77 10.88 11.20
C LEU E 19 -16.22 11.37 12.54
N THR E 20 -17.40 11.93 12.59
CA THR E 20 -17.97 12.24 13.89
C THR E 20 -17.92 11.08 14.90
N GLY E 21 -17.51 11.39 16.12
CA GLY E 21 -17.42 10.37 17.15
C GLY E 21 -16.32 9.38 17.00
N VAL E 22 -15.55 9.40 15.88
CA VAL E 22 -14.42 8.45 15.81
C VAL E 22 -13.24 8.80 16.74
N LYS E 23 -12.85 7.89 17.60
CA LYS E 23 -11.68 8.07 18.43
C LYS E 23 -10.37 7.75 17.70
N PHE E 24 -9.39 8.64 17.76
CA PHE E 24 -8.13 8.41 17.05
C PHE E 24 -6.99 8.14 18.03
N LEU E 25 -6.33 7.02 17.83
CA LEU E 25 -5.21 6.68 18.66
C LEU E 25 -3.94 6.79 17.85
N VAL E 26 -2.90 7.25 18.52
CA VAL E 26 -1.54 7.20 17.99
C VAL E 26 -0.93 5.90 18.49
N LEU E 27 -0.35 5.15 17.55
CA LEU E 27 0.17 3.84 17.77
C LEU E 27 1.58 3.79 17.31
N GLN E 28 2.40 3.01 18.00
CA GLN E 28 3.78 2.76 17.60
C GLN E 28 4.00 1.30 17.22
N TYR E 29 4.46 1.03 15.99
CA TYR E 29 4.68 -0.31 15.51
C TYR E 29 5.80 -1.07 16.25
N LEU E 30 5.56 -2.34 16.55
CA LEU E 30 6.53 -3.15 17.27
C LEU E 30 7.54 -3.60 16.30
N GLY E 31 8.77 -3.76 16.73
CA GLY E 31 9.78 -4.32 15.84
C GLY E 31 10.47 -5.57 16.34
N GLU E 32 11.76 -5.39 16.69
CA GLU E 32 12.72 -6.46 16.88
C GLU E 32 12.68 -6.92 18.32
N ASP E 33 12.29 -8.17 18.52
CA ASP E 33 12.02 -8.67 19.87
C ASP E 33 10.84 -7.84 20.38
N GLY E 34 11.02 -7.17 21.53
CA GLY E 34 10.00 -6.30 22.07
C GLY E 34 10.19 -4.87 21.63
N GLU E 35 11.27 -4.57 20.91
CA GLU E 35 11.61 -3.19 20.61
C GLU E 35 10.56 -2.56 19.73
N PHE E 36 10.07 -1.40 20.14
CA PHE E 36 9.18 -0.63 19.32
C PHE E 36 9.95 0.27 18.37
N LEU E 37 9.43 0.41 17.16
CA LEU E 37 10.14 1.08 16.08
C LEU E 37 9.90 2.59 16.12
N PRO E 38 10.74 3.37 15.38
CA PRO E 38 10.53 4.81 15.33
C PRO E 38 9.46 5.18 14.29
N ASP E 39 8.56 4.25 14.01
CA ASP E 39 7.46 4.51 13.09
C ASP E 39 6.11 4.36 13.82
N TYR E 40 5.14 5.15 13.38
CA TYR E 40 3.83 5.28 14.04
C TYR E 40 2.65 5.28 13.02
N GLU E 41 1.45 5.15 13.54
CA GLU E 41 0.25 5.22 12.74
C GLU E 41 -0.77 5.92 13.61
N VAL E 42 -1.69 6.66 13.00
CA VAL E 42 -2.93 7.06 13.68
C VAL E 42 -4.07 6.20 13.16
N ALA E 43 -4.85 5.65 14.08
CA ALA E 43 -5.84 4.64 13.77
C ALA E 43 -7.16 4.89 14.45
N ALA E 44 -8.26 4.64 13.73
CA ALA E 44 -9.58 4.65 14.35
C ALA E 44 -9.71 3.52 15.38
N ASP E 45 -10.34 3.81 16.51
CA ASP E 45 -10.47 2.81 17.58
C ASP E 45 -11.95 2.69 17.93
N THR E 46 -12.51 1.54 17.64
CA THR E 46 -13.89 1.20 17.99
C THR E 46 -13.95 0.10 19.03
N VAL E 47 -12.80 -0.41 19.42
CA VAL E 47 -12.69 -1.46 20.35
C VAL E 47 -12.43 -0.92 21.77
N GLY E 48 -11.77 0.22 21.93
CA GLY E 48 -11.48 0.81 23.24
C GLY E 48 -10.10 0.58 23.87
N ALA E 49 -8.99 0.70 23.15
CA ALA E 49 -7.71 0.39 23.74
C ALA E 49 -7.19 1.56 24.55
N GLY E 50 -6.37 1.26 25.57
CA GLY E 50 -5.81 2.31 26.41
C GLY E 50 -4.32 2.42 26.17
N GLN E 51 -3.73 3.48 26.74
CA GLN E 51 -2.29 3.70 26.73
C GLN E 51 -1.48 2.46 27.08
N ASP E 52 -0.40 2.21 26.34
CA ASP E 52 0.51 1.08 26.55
C ASP E 52 -0.07 -0.31 26.21
N GLU E 53 -1.37 -0.43 26.04
CA GLU E 53 -1.93 -1.69 25.56
C GLU E 53 -1.42 -2.01 24.15
N TRP E 54 -1.22 -3.30 23.87
CA TRP E 54 -0.74 -3.73 22.60
C TRP E 54 -2.01 -4.05 21.80
N VAL E 55 -1.97 -3.77 20.50
CA VAL E 55 -3.12 -3.90 19.62
C VAL E 55 -2.70 -4.45 18.26
N LEU E 56 -3.66 -5.04 17.55
CA LEU E 56 -3.55 -5.35 16.13
C LEU E 56 -4.19 -4.21 15.34
N VAL E 57 -3.45 -3.75 14.32
CA VAL E 57 -3.87 -2.68 13.43
C VAL E 57 -4.08 -3.27 12.04
N SER E 58 -5.22 -2.96 11.43
CA SER E 58 -5.44 -3.33 10.04
C SER E 58 -5.44 -2.05 9.22
N ARG E 59 -4.83 -2.14 8.05
CA ARG E 59 -4.63 -0.94 7.23
C ARG E 59 -5.25 -1.10 5.84
N GLY E 60 -5.42 0.01 5.16
CA GLY E 60 -6.11 0.08 3.85
C GLY E 60 -7.58 -0.11 4.04
N SER E 61 -8.24 -0.70 3.03
CA SER E 61 -9.68 -0.78 3.02
C SER E 61 -10.24 -1.68 4.12
N ALA E 62 -9.42 -2.56 4.70
CA ALA E 62 -9.80 -3.33 5.87
C ALA E 62 -10.40 -2.44 6.96
N ALA E 63 -9.85 -1.26 7.10
CA ALA E 63 -10.24 -0.34 8.12
C ALA E 63 -11.69 0.07 8.01
N ARG E 64 -12.22 0.06 6.78
CA ARG E 64 -13.62 0.41 6.58
C ARG E 64 -14.57 -0.76 6.90
N HIS E 65 -14.05 -1.97 7.26
CA HIS E 65 -14.85 -3.14 7.58
C HIS E 65 -14.98 -3.37 9.11
N ILE E 66 -14.52 -2.46 9.88
CA ILE E 66 -14.94 -2.44 11.30
C ILE E 66 -16.41 -2.13 11.34
N ILE E 67 -17.02 -2.36 12.47
CA ILE E 67 -18.44 -2.07 12.64
C ILE E 67 -18.69 -0.63 12.29
N ASN E 68 -19.65 -0.41 11.39
CA ASN E 68 -20.04 0.92 10.94
C ASN E 68 -18.88 1.70 10.31
N GLY E 69 -17.87 1.00 9.79
CA GLY E 69 -16.76 1.69 9.15
C GLY E 69 -17.02 2.09 7.70
N THR E 70 -18.11 1.59 7.18
CA THR E 70 -18.37 1.57 5.76
C THR E 70 -18.09 2.86 5.02
N ASP E 71 -18.56 3.99 5.49
CA ASP E 71 -18.28 5.13 4.57
C ASP E 71 -17.19 6.07 5.11
N LYS E 72 -16.41 5.61 6.06
CA LYS E 72 -15.49 6.48 6.72
C LYS E 72 -14.16 6.47 5.93
N PRO E 73 -13.56 7.64 5.71
CA PRO E 73 -12.34 7.73 4.96
C PRO E 73 -11.16 7.45 5.89
N ILE E 74 -11.08 6.22 6.35
CA ILE E 74 -10.02 5.82 7.26
C ILE E 74 -9.27 4.65 6.59
N ASP E 75 -7.96 4.63 6.85
CA ASP E 75 -7.04 3.64 6.27
C ASP E 75 -6.30 2.86 7.35
N ALA E 76 -6.72 3.03 8.61
CA ALA E 76 -6.15 2.27 9.68
C ALA E 76 -7.10 2.21 10.87
N ALA E 77 -7.21 1.03 11.47
CA ALA E 77 -8.04 0.82 12.63
C ALA E 77 -7.49 -0.23 13.54
N VAL E 78 -7.74 -0.02 14.82
CA VAL E 78 -7.48 -0.99 15.86
C VAL E 78 -8.58 -2.00 15.77
N VAL E 79 -8.19 -3.26 15.55
CA VAL E 79 -9.20 -4.28 15.41
C VAL E 79 -9.21 -5.24 16.56
N ALA E 80 -8.15 -5.17 17.40
CA ALA E 80 -8.07 -6.08 18.55
C ALA E 80 -7.03 -5.62 19.58
N ILE E 81 -7.35 -5.86 20.85
CA ILE E 81 -6.39 -5.70 21.98
C ILE E 81 -5.70 -7.03 22.21
N ILE E 82 -4.40 -7.04 22.10
CA ILE E 82 -3.63 -8.28 22.24
C ILE E 82 -3.53 -8.75 23.70
N ASP E 83 -3.88 -10.02 23.96
CA ASP E 83 -3.60 -10.66 25.26
C ASP E 83 -2.29 -11.40 25.17
N THR E 84 -2.07 -12.14 24.07
CA THR E 84 -0.83 -12.91 23.94
C THR E 84 -0.17 -12.83 22.59
N VAL E 85 1.16 -12.92 22.64
CA VAL E 85 1.96 -13.06 21.46
C VAL E 85 3.01 -14.12 21.68
N SER E 86 2.97 -15.13 20.81
CA SER E 86 3.93 -16.23 20.89
C SER E 86 4.75 -16.30 19.64
N ARG E 87 6.06 -16.46 19.79
CA ARG E 87 6.94 -16.49 18.62
C ARG E 87 8.01 -17.55 18.83
N ASP E 88 8.16 -18.41 17.82
CA ASP E 88 8.96 -19.61 17.89
C ASP E 88 8.50 -20.49 19.03
N ASN E 89 9.21 -20.53 20.15
CA ASN E 89 8.74 -21.33 21.29
C ASN E 89 8.98 -20.62 22.61
N TYR E 90 8.67 -19.33 22.62
CA TYR E 90 8.61 -18.52 23.83
C TYR E 90 7.51 -17.44 23.71
N LEU E 91 6.96 -17.07 24.87
CA LEU E 91 5.97 -16.01 24.99
C LEU E 91 6.69 -14.65 24.99
N LEU E 92 6.30 -13.81 24.04
CA LEU E 92 6.91 -12.51 23.87
C LEU E 92 6.09 -11.42 24.59
N TYR E 93 4.81 -11.67 24.79
CA TYR E 93 3.90 -10.73 25.43
C TYR E 93 2.71 -11.48 25.98
N SER E 94 2.30 -11.11 27.20
CA SER E 94 1.17 -11.76 27.83
C SER E 94 0.31 -10.90 28.76
N LYS E 95 0.27 -9.63 28.49
CA LYS E 95 -0.65 -8.71 29.16
C LYS E 95 -0.59 -8.82 30.68
S SO4 F . -8.26 -1.40 -2.16
O1 SO4 F . -9.57 -1.77 -2.43
O2 SO4 F . -7.73 -2.51 -1.44
O3 SO4 F . -7.43 -1.13 -3.30
O4 SO4 F . -8.07 -0.19 -1.43
MG MG G . -2.03 -28.03 7.88
S SO4 H . 6.85 0.54 -2.69
O1 SO4 H . 6.13 0.59 -3.99
O2 SO4 H . 6.42 -0.63 -1.88
O3 SO4 H . 8.30 0.47 -2.99
O4 SO4 H . 6.55 1.77 -1.90
S SO4 I . -3.58 -26.60 -9.18
O1 SO4 I . -4.62 -27.39 -9.88
O2 SO4 I . -2.96 -27.35 -8.06
O3 SO4 I . -2.61 -26.28 -10.25
O4 SO4 I . -4.15 -25.42 -8.54
S SO4 J . -10.22 23.53 -11.66
O1 SO4 J . -11.54 24.05 -12.07
O2 SO4 J . -10.36 22.08 -11.66
O3 SO4 J . -9.16 23.95 -12.63
O4 SO4 J . -9.83 23.95 -10.29
S SO4 K . -16.48 14.14 18.03
O1 SO4 K . -16.76 13.08 19.03
O2 SO4 K . -15.03 14.44 18.15
O3 SO4 K . -16.75 13.78 16.64
O4 SO4 K . -17.31 15.34 18.30
S SO4 L . -20.92 5.35 13.97
O1 SO4 L . -21.59 6.20 14.98
O2 SO4 L . -21.40 4.05 14.38
O3 SO4 L . -21.32 5.82 12.63
O4 SO4 L . -19.44 5.28 14.03
#